data_7O3S
#
_entry.id   7O3S
#
_cell.length_a   82.460
_cell.length_b   112.196
_cell.length_c   62.486
_cell.angle_alpha   90.000
_cell.angle_beta   90.000
_cell.angle_gamma   90.000
#
_symmetry.space_group_name_H-M   'C 2 2 21'
#
loop_
_entity.id
_entity.type
_entity.pdbx_description
1 polymer '14-3-3 protein sigma'
2 polymer 'Transcription factor p65'
3 non-polymer 'CHLORIDE ION'
4 non-polymer 3-methoxy-1-(4-methylphenyl)sulfonyl-azetidine
5 non-polymer 'MAGNESIUM ION'
6 water water
#
loop_
_entity_poly.entity_id
_entity_poly.type
_entity_poly.pdbx_seq_one_letter_code
_entity_poly.pdbx_strand_id
1 'polypeptide(L)'
;GAMGSMERASLIQKAKLAEQAERYEDMAAFMKGAVEKGEELS(CSO)EERNLLSVAYKNVVGGQRAAWRVLSSIEQKSNE
EGSEEKGPEVREYREKVETELQGVCDTVLGLLDSHLIKEAGDAESRVFYLKMKGDYYRYLAEVATGDDKKRIIDSARSAY
QEAMDISKKEMPPTNPIRLGLALNFSVFHYEIANSPEEAISLAKTTFDEAMADLHTLSEDSYKDSTLIMQLLRDNLTLWT
;
A
2 'polypeptide(L)' EGRSAG(SEP)IPGRRS P
#
# COMPACT_ATOMS: atom_id res chain seq x y z
N MET A 3 -20.10 -0.90 -11.80
CA MET A 3 -20.90 0.30 -11.67
C MET A 3 -21.05 0.93 -13.04
N GLY A 4 -21.33 0.08 -14.02
CA GLY A 4 -21.24 0.48 -15.41
C GLY A 4 -22.21 1.57 -15.83
N SER A 5 -23.34 1.69 -15.14
CA SER A 5 -24.36 2.66 -15.54
C SER A 5 -24.20 4.02 -14.88
N MET A 6 -23.22 4.19 -13.99
CA MET A 6 -23.01 5.47 -13.33
C MET A 6 -21.88 6.25 -14.00
N GLU A 7 -22.05 7.56 -14.08
CA GLU A 7 -21.05 8.43 -14.67
C GLU A 7 -19.73 8.37 -13.91
N ARG A 8 -18.63 8.50 -14.64
CA ARG A 8 -17.31 8.55 -14.00
C ARG A 8 -17.25 9.65 -12.95
N ALA A 9 -17.70 10.86 -13.29
CA ALA A 9 -17.64 11.96 -12.34
C ALA A 9 -18.51 11.71 -11.12
N SER A 10 -19.63 11.01 -11.30
CA SER A 10 -20.51 10.72 -10.18
C SER A 10 -19.88 9.69 -9.25
N LEU A 11 -19.21 8.67 -9.82
CA LEU A 11 -18.47 7.72 -9.00
C LEU A 11 -17.40 8.43 -8.18
N ILE A 12 -16.67 9.37 -8.79
CA ILE A 12 -15.62 10.08 -8.06
C ILE A 12 -16.23 10.92 -6.95
N GLN A 13 -17.31 11.65 -7.27
CA GLN A 13 -17.98 12.46 -6.27
C GLN A 13 -18.54 11.62 -5.13
N LYS A 14 -19.12 10.46 -5.45
CA LYS A 14 -19.65 9.60 -4.40
C LYS A 14 -18.54 8.94 -3.59
N ALA A 15 -17.37 8.71 -4.21
CA ALA A 15 -16.25 8.18 -3.44
C ALA A 15 -15.77 9.17 -2.39
N LYS A 16 -15.80 10.46 -2.72
CA LYS A 16 -15.42 11.48 -1.74
C LYS A 16 -16.45 11.55 -0.61
N LEU A 17 -17.74 11.40 -0.96
CA LEU A 17 -18.77 11.38 0.07
C LEU A 17 -18.64 10.18 0.98
N ALA A 18 -18.34 9.01 0.41
CA ALA A 18 -18.17 7.80 1.21
C ALA A 18 -17.00 7.93 2.17
N GLU A 19 -15.91 8.57 1.73
CA GLU A 19 -14.81 8.84 2.65
C GLU A 19 -15.27 9.69 3.83
N GLN A 20 -16.06 10.74 3.55
CA GLN A 20 -16.55 11.60 4.62
C GLN A 20 -17.47 10.84 5.57
N ALA A 21 -18.25 9.90 5.04
CA ALA A 21 -19.12 9.07 5.86
C ALA A 21 -18.40 7.87 6.46
N GLU A 22 -17.09 7.73 6.19
CA GLU A 22 -16.30 6.59 6.63
C GLU A 22 -16.92 5.27 6.16
N ARG A 23 -17.42 5.28 4.93
CA ARG A 23 -18.02 4.11 4.28
C ARG A 23 -17.02 3.59 3.26
N TYR A 24 -15.98 2.92 3.75
CA TYR A 24 -14.82 2.64 2.93
C TYR A 24 -15.07 1.53 1.92
N GLU A 25 -15.93 0.57 2.25
CA GLU A 25 -16.30 -0.45 1.27
C GLU A 25 -17.04 0.18 0.09
N ASP A 26 -17.98 1.09 0.37
CA ASP A 26 -18.62 1.86 -0.70
C ASP A 26 -17.58 2.64 -1.50
N MET A 27 -16.67 3.33 -0.80
CA MET A 27 -15.69 4.17 -1.46
C MET A 27 -14.83 3.35 -2.43
N ALA A 28 -14.46 2.13 -2.02
CA ALA A 28 -13.66 1.28 -2.87
C ALA A 28 -14.46 0.81 -4.09
N ALA A 29 -15.72 0.44 -3.89
CA ALA A 29 -16.55 0.01 -5.02
C ALA A 29 -16.74 1.15 -6.01
N PHE A 30 -16.92 2.39 -5.52
CA PHE A 30 -17.01 3.54 -6.41
C PHE A 30 -15.72 3.73 -7.21
N MET A 31 -14.57 3.72 -6.53
CA MET A 31 -13.31 3.90 -7.24
C MET A 31 -12.99 2.72 -8.17
N LYS A 32 -13.38 1.50 -7.79
CA LYS A 32 -13.24 0.38 -8.73
C LYS A 32 -14.04 0.65 -10.00
N GLY A 33 -15.28 1.12 -9.84
CA GLY A 33 -16.08 1.50 -11.00
C GLY A 33 -15.44 2.60 -11.82
N ALA A 34 -14.84 3.59 -11.15
CA ALA A 34 -14.20 4.69 -11.87
C ALA A 34 -13.01 4.19 -12.67
N VAL A 35 -12.18 3.33 -12.07
CA VAL A 35 -11.04 2.78 -12.80
C VAL A 35 -11.52 2.02 -14.04
N GLU A 36 -12.56 1.21 -13.88
CA GLU A 36 -13.04 0.37 -14.96
C GLU A 36 -13.70 1.16 -16.08
N LYS A 37 -13.89 2.47 -15.92
CA LYS A 37 -14.25 3.31 -17.06
C LYS A 37 -13.15 3.37 -18.11
N GLY A 38 -11.92 3.00 -17.76
CA GLY A 38 -10.85 2.86 -18.73
C GLY A 38 -9.98 4.09 -18.94
N GLU A 39 -10.34 5.21 -18.33
CA GLU A 39 -9.53 6.42 -18.39
C GLU A 39 -8.48 6.40 -17.29
N GLU A 40 -7.35 7.03 -17.56
CA GLU A 40 -6.31 7.15 -16.55
C GLU A 40 -6.83 7.99 -15.37
N LEU A 41 -6.18 7.84 -14.22
CA LEU A 41 -6.58 8.56 -13.01
C LEU A 41 -5.65 9.73 -12.75
N SER A 42 -6.24 10.84 -12.33
CA SER A 42 -5.46 12.00 -11.88
C SER A 42 -4.77 11.70 -10.54
N GLU A 44 -5.24 13.12 -7.66
CA GLU A 44 -6.23 13.06 -6.59
C GLU A 44 -7.05 11.77 -6.64
N GLU A 45 -7.40 11.35 -7.86
CA GLU A 45 -8.17 10.12 -8.04
C GLU A 45 -7.37 8.89 -7.63
N ARG A 46 -6.07 8.87 -7.94
CA ARG A 46 -5.22 7.77 -7.46
C ARG A 46 -5.23 7.71 -5.93
N ASN A 47 -5.18 8.87 -5.28
CA ASN A 47 -5.20 8.89 -3.81
C ASN A 47 -6.51 8.34 -3.28
N LEU A 48 -7.63 8.67 -3.94
CA LEU A 48 -8.93 8.14 -3.50
C LEU A 48 -8.96 6.63 -3.63
N LEU A 49 -8.47 6.11 -4.75
CA LEU A 49 -8.40 4.66 -4.93
C LEU A 49 -7.58 4.02 -3.83
N SER A 50 -6.40 4.58 -3.56
CA SER A 50 -5.49 4.00 -2.57
C SER A 50 -6.08 4.08 -1.16
N VAL A 51 -6.64 5.24 -0.79
CA VAL A 51 -7.22 5.39 0.55
C VAL A 51 -8.37 4.42 0.74
N ALA A 52 -9.20 4.25 -0.29
CA ALA A 52 -10.37 3.37 -0.16
C ALA A 52 -9.94 1.94 0.16
N TYR A 53 -9.02 1.39 -0.63
CA TYR A 53 -8.64 0.00 -0.41
C TYR A 53 -7.72 -0.18 0.78
N LYS A 54 -6.86 0.80 1.11
CA LYS A 54 -6.04 0.70 2.31
C LYS A 54 -6.92 0.56 3.55
N ASN A 55 -8.04 1.28 3.58
CA ASN A 55 -8.95 1.20 4.71
C ASN A 55 -9.63 -0.17 4.75
N VAL A 56 -10.15 -0.63 3.61
CA VAL A 56 -10.84 -1.92 3.57
C VAL A 56 -9.89 -3.04 3.98
N VAL A 57 -8.73 -3.10 3.33
CA VAL A 57 -7.80 -4.19 3.64
C VAL A 57 -7.20 -4.00 5.03
N GLY A 58 -7.07 -2.75 5.49
CA GLY A 58 -6.58 -2.53 6.84
C GLY A 58 -7.48 -3.15 7.89
N GLY A 59 -8.80 -3.00 7.73
CA GLY A 59 -9.73 -3.62 8.66
C GLY A 59 -9.70 -5.13 8.59
N GLN A 60 -9.54 -5.69 7.39
CA GLN A 60 -9.43 -7.14 7.25
C GLN A 60 -8.15 -7.65 7.89
N ARG A 61 -7.03 -6.94 7.69
CA ARG A 61 -5.75 -7.37 8.28
C ARG A 61 -5.82 -7.37 9.81
N ALA A 62 -6.41 -6.33 10.38
CA ALA A 62 -6.55 -6.26 11.84
C ALA A 62 -7.39 -7.40 12.37
N ALA A 63 -8.49 -7.73 11.67
CA ALA A 63 -9.33 -8.85 12.09
C ALA A 63 -8.59 -10.17 11.93
N TRP A 64 -7.89 -10.36 10.81
CA TRP A 64 -7.12 -11.58 10.60
C TRP A 64 -6.10 -11.77 11.73
N ARG A 65 -5.42 -10.70 12.14
CA ARG A 65 -4.41 -10.81 13.19
C ARG A 65 -5.03 -11.17 14.53
N VAL A 66 -6.20 -10.59 14.84
CA VAL A 66 -6.91 -10.97 16.05
C VAL A 66 -7.23 -12.46 16.03
N LEU A 67 -7.77 -12.94 14.91
CA LEU A 67 -8.20 -14.35 14.84
C LEU A 67 -7.02 -15.29 14.79
N SER A 68 -5.96 -14.92 14.06
CA SER A 68 -4.78 -15.77 13.99
C SER A 68 -4.12 -15.92 15.36
N SER A 69 -4.14 -14.85 16.16
CA SER A 69 -3.59 -14.91 17.51
C SER A 69 -4.42 -15.84 18.39
N ILE A 70 -5.75 -15.76 18.31
CA ILE A 70 -6.60 -16.70 19.05
C ILE A 70 -6.34 -18.11 18.58
N GLU A 71 -6.20 -18.30 17.26
CA GLU A 71 -5.97 -19.63 16.70
C GLU A 71 -4.66 -20.23 17.21
N GLN A 72 -3.59 -19.43 17.26
CA GLN A 72 -2.32 -19.96 17.73
C GLN A 72 -2.35 -20.26 19.23
N LYS A 73 -3.07 -19.45 20.01
CA LYS A 73 -3.21 -19.74 21.43
C LYS A 73 -3.95 -21.05 21.66
N SER A 74 -4.96 -21.35 20.83
CA SER A 74 -5.68 -22.60 20.92
C SER A 74 -4.83 -23.80 20.56
N ASN A 75 -3.66 -23.60 19.95
CA ASN A 75 -2.75 -24.67 19.57
C ASN A 75 -1.52 -24.73 20.47
N GLU A 76 -1.67 -24.37 21.74
CA GLU A 76 -0.57 -24.41 22.69
C GLU A 76 -0.72 -25.59 23.65
N GLY A 83 -12.71 -26.86 18.94
CA GLY A 83 -13.18 -27.32 17.64
C GLY A 83 -12.63 -26.56 16.46
N PRO A 84 -13.28 -26.68 15.31
CA PRO A 84 -12.77 -26.07 14.08
C PRO A 84 -13.18 -24.62 13.86
N GLU A 85 -13.97 -24.04 14.75
CA GLU A 85 -14.60 -22.75 14.47
C GLU A 85 -13.57 -21.64 14.29
N VAL A 86 -12.57 -21.58 15.17
CA VAL A 86 -11.60 -20.49 15.11
C VAL A 86 -10.85 -20.53 13.78
N ARG A 87 -10.37 -21.71 13.38
CA ARG A 87 -9.68 -21.83 12.10
C ARG A 87 -10.61 -21.51 10.94
N GLU A 88 -11.85 -22.00 11.00
CA GLU A 88 -12.81 -21.76 9.92
C GLU A 88 -13.05 -20.28 9.72
N TYR A 89 -13.25 -19.54 10.82
CA TYR A 89 -13.55 -18.12 10.68
C TYR A 89 -12.32 -17.32 10.28
N ARG A 90 -11.13 -17.68 10.78
CA ARG A 90 -9.90 -17.08 10.29
C ARG A 90 -9.74 -17.32 8.79
N GLU A 91 -10.03 -18.54 8.33
CA GLU A 91 -9.94 -18.84 6.90
C GLU A 91 -10.94 -18.00 6.11
N LYS A 92 -12.13 -17.77 6.67
CA LYS A 92 -13.13 -16.97 5.97
C LYS A 92 -12.66 -15.52 5.82
N VAL A 93 -12.21 -14.91 6.91
CA VAL A 93 -11.65 -13.56 6.84
C VAL A 93 -10.47 -13.54 5.89
N GLU A 94 -9.59 -14.53 6.00
CA GLU A 94 -8.40 -14.60 5.14
C GLU A 94 -8.78 -14.67 3.66
N THR A 95 -9.83 -15.43 3.34
CA THR A 95 -10.27 -15.54 1.96
C THR A 95 -10.81 -14.21 1.44
N GLU A 96 -11.54 -13.47 2.26
CA GLU A 96 -12.03 -12.17 1.84
C GLU A 96 -10.89 -11.18 1.65
N LEU A 97 -9.89 -11.24 2.54
CA LEU A 97 -8.72 -10.36 2.42
C LEU A 97 -7.99 -10.62 1.11
N GLN A 98 -7.72 -11.88 0.80
CA GLN A 98 -7.08 -12.24 -0.47
C GLN A 98 -7.92 -11.82 -1.66
N GLY A 99 -9.25 -11.85 -1.52
CA GLY A 99 -10.10 -11.40 -2.60
C GLY A 99 -9.96 -9.91 -2.88
N VAL A 100 -9.88 -9.10 -1.83
CA VAL A 100 -9.68 -7.66 -2.02
C VAL A 100 -8.30 -7.40 -2.63
N CYS A 101 -7.27 -8.09 -2.15
CA CYS A 101 -5.94 -7.91 -2.71
C CYS A 101 -5.91 -8.30 -4.18
N ASP A 102 -6.53 -9.42 -4.54
CA ASP A 102 -6.58 -9.85 -5.94
C ASP A 102 -7.36 -8.84 -6.77
N THR A 103 -8.40 -8.24 -6.20
CA THR A 103 -9.17 -7.24 -6.93
C THR A 103 -8.32 -6.02 -7.26
N VAL A 104 -7.56 -5.52 -6.28
CA VAL A 104 -6.71 -4.36 -6.50
C VAL A 104 -5.63 -4.69 -7.52
N LEU A 105 -4.98 -5.84 -7.36
CA LEU A 105 -3.94 -6.26 -8.30
C LEU A 105 -4.49 -6.41 -9.70
N GLY A 106 -5.73 -6.87 -9.82
CA GLY A 106 -6.36 -6.96 -11.12
C GLY A 106 -6.61 -5.60 -11.75
N LEU A 107 -6.94 -4.60 -10.93
CA LEU A 107 -7.12 -3.24 -11.46
C LEU A 107 -5.78 -2.68 -11.93
N LEU A 108 -4.71 -2.93 -11.15
CA LEU A 108 -3.39 -2.45 -11.53
C LEU A 108 -2.91 -3.13 -12.81
N ASP A 109 -3.24 -4.40 -12.97
CA ASP A 109 -2.83 -5.15 -14.16
C ASP A 109 -3.73 -4.90 -15.35
N SER A 110 -4.96 -4.40 -15.13
CA SER A 110 -5.94 -4.20 -16.20
C SER A 110 -6.70 -2.89 -15.95
N HIS A 111 -6.11 -1.76 -16.33
CA HIS A 111 -4.85 -1.67 -17.08
C HIS A 111 -4.05 -0.47 -16.59
N LEU A 112 -4.17 -0.20 -15.29
CA LEU A 112 -3.61 1.04 -14.72
C LEU A 112 -2.12 1.16 -14.97
N ILE A 113 -1.36 0.10 -14.71
CA ILE A 113 0.10 0.21 -14.77
C ILE A 113 0.58 0.41 -16.21
N LYS A 114 0.07 -0.40 -17.15
CA LYS A 114 0.60 -0.31 -18.51
C LYS A 114 0.29 1.03 -19.18
N GLU A 115 -0.73 1.76 -18.72
CA GLU A 115 -1.01 3.08 -19.28
C GLU A 115 -0.38 4.22 -18.47
N ALA A 116 0.29 3.92 -17.37
CA ALA A 116 0.93 4.95 -16.55
C ALA A 116 2.31 5.24 -17.13
N GLY A 117 2.42 6.36 -17.86
CA GLY A 117 3.67 6.73 -18.50
C GLY A 117 4.52 7.70 -17.70
N ASP A 118 3.89 8.54 -16.90
CA ASP A 118 4.63 9.45 -16.04
C ASP A 118 5.19 8.71 -14.84
N ALA A 119 6.32 9.20 -14.33
CA ALA A 119 6.95 8.58 -13.18
C ALA A 119 6.04 8.63 -11.95
N GLU A 120 5.38 9.77 -11.72
CA GLU A 120 4.54 9.91 -10.54
C GLU A 120 3.42 8.88 -10.53
N SER A 121 2.76 8.67 -11.68
CA SER A 121 1.68 7.70 -11.73
C SER A 121 2.21 6.26 -11.72
N ARG A 122 3.29 5.99 -12.46
CA ARG A 122 3.80 4.63 -12.53
C ARG A 122 4.37 4.17 -11.20
N VAL A 123 5.15 5.01 -10.53
CA VAL A 123 5.66 4.68 -9.20
C VAL A 123 4.51 4.46 -8.23
N PHE A 124 3.45 5.29 -8.32
CA PHE A 124 2.32 5.15 -7.41
C PHE A 124 1.68 3.78 -7.53
N TYR A 125 1.42 3.34 -8.77
CA TYR A 125 0.77 2.05 -8.98
C TYR A 125 1.69 0.90 -8.61
N LEU A 126 2.99 1.03 -8.89
CA LEU A 126 3.92 -0.04 -8.54
C LEU A 126 4.08 -0.14 -7.03
N LYS A 127 4.08 1.00 -6.32
CA LYS A 127 4.02 0.96 -4.87
C LYS A 127 2.78 0.21 -4.38
N MET A 128 1.63 0.51 -4.97
CA MET A 128 0.41 -0.21 -4.64
C MET A 128 0.58 -1.71 -4.89
N LYS A 129 1.16 -2.07 -6.03
CA LYS A 129 1.35 -3.48 -6.34
C LYS A 129 2.21 -4.17 -5.29
N GLY A 130 3.29 -3.52 -4.88
CA GLY A 130 4.10 -4.08 -3.80
C GLY A 130 3.32 -4.25 -2.52
N ASP A 131 2.53 -3.23 -2.15
CA ASP A 131 1.77 -3.28 -0.90
C ASP A 131 0.80 -4.46 -0.88
N TYR A 132 0.04 -4.65 -1.96
CA TYR A 132 -1.00 -5.67 -1.91
C TYR A 132 -0.45 -7.08 -2.07
N TYR A 133 0.69 -7.24 -2.76
CA TYR A 133 1.40 -8.51 -2.67
C TYR A 133 1.97 -8.71 -1.27
N ARG A 134 2.42 -7.64 -0.62
CA ARG A 134 2.88 -7.77 0.76
C ARG A 134 1.76 -8.25 1.67
N TYR A 135 0.55 -7.72 1.49
CA TYR A 135 -0.57 -8.16 2.31
C TYR A 135 -0.89 -9.62 2.05
N LEU A 136 -0.83 -10.06 0.79
CA LEU A 136 -0.95 -11.48 0.49
C LEU A 136 0.15 -12.29 1.20
N ALA A 137 1.38 -11.77 1.19
CA ALA A 137 2.48 -12.48 1.84
C ALA A 137 2.25 -12.64 3.34
N GLU A 138 1.55 -11.68 3.97
CA GLU A 138 1.38 -11.73 5.42
C GLU A 138 0.56 -12.94 5.86
N VAL A 139 -0.30 -13.45 4.98
CA VAL A 139 -1.16 -14.59 5.30
C VAL A 139 -0.77 -15.83 4.52
N ALA A 140 0.21 -15.75 3.63
CA ALA A 140 0.61 -16.89 2.83
C ALA A 140 1.38 -17.90 3.68
N THR A 141 1.13 -19.19 3.44
CA THR A 141 1.82 -20.25 4.16
C THR A 141 2.32 -21.39 3.28
N GLY A 142 1.85 -21.52 2.04
CA GLY A 142 2.12 -22.71 1.26
C GLY A 142 3.10 -22.57 0.13
N ASP A 143 2.80 -23.24 -0.99
CA ASP A 143 3.73 -23.35 -2.11
C ASP A 143 3.99 -22.03 -2.80
N ASP A 144 3.12 -21.04 -2.61
CA ASP A 144 3.22 -19.78 -3.35
C ASP A 144 3.74 -18.63 -2.50
N LYS A 145 4.04 -18.85 -1.22
CA LYS A 145 4.49 -17.74 -0.38
C LYS A 145 5.77 -17.13 -0.92
N LYS A 146 6.73 -17.95 -1.32
CA LYS A 146 7.98 -17.42 -1.83
C LYS A 146 7.76 -16.64 -3.11
N ARG A 147 6.91 -17.16 -4.01
CA ARG A 147 6.62 -16.43 -5.25
C ARG A 147 5.86 -15.13 -4.96
N ILE A 148 4.97 -15.14 -3.96
CA ILE A 148 4.25 -13.93 -3.59
C ILE A 148 5.23 -12.88 -3.04
N ILE A 149 6.15 -13.31 -2.19
CA ILE A 149 7.17 -12.41 -1.64
C ILE A 149 8.00 -11.80 -2.78
N ASP A 150 8.39 -12.62 -3.76
CA ASP A 150 9.21 -12.11 -4.85
C ASP A 150 8.42 -11.15 -5.73
N SER A 151 7.11 -11.36 -5.86
CA SER A 151 6.27 -10.43 -6.61
C SER A 151 6.21 -9.09 -5.89
N ALA A 152 6.08 -9.10 -4.57
CA ALA A 152 6.17 -7.86 -3.81
C ALA A 152 7.52 -7.18 -4.02
N ARG A 153 8.61 -7.93 -3.82
N ARG A 153 8.61 -7.93 -3.81
CA ARG A 153 9.95 -7.35 -3.97
CA ARG A 153 9.95 -7.36 -3.97
C ARG A 153 10.16 -6.79 -5.36
C ARG A 153 10.13 -6.77 -5.36
N SER A 154 9.74 -7.52 -6.40
CA SER A 154 9.91 -7.04 -7.77
C SER A 154 9.17 -5.74 -8.02
N ALA A 155 7.91 -5.65 -7.56
CA ALA A 155 7.14 -4.43 -7.75
C ALA A 155 7.78 -3.25 -7.02
N TYR A 156 8.16 -3.45 -5.75
CA TYR A 156 8.82 -2.38 -4.99
C TYR A 156 10.11 -1.93 -5.66
N GLN A 157 10.91 -2.89 -6.14
CA GLN A 157 12.22 -2.58 -6.71
C GLN A 157 12.10 -1.76 -7.99
N GLU A 158 11.15 -2.12 -8.86
CA GLU A 158 10.96 -1.32 -10.08
C GLU A 158 10.50 0.08 -9.73
N ALA A 159 9.60 0.21 -8.74
CA ALA A 159 9.20 1.52 -8.27
C ALA A 159 10.37 2.31 -7.71
N MET A 160 11.24 1.63 -6.94
CA MET A 160 12.43 2.30 -6.41
C MET A 160 13.33 2.80 -7.52
N ASP A 161 13.60 1.95 -8.52
CA ASP A 161 14.49 2.35 -9.62
C ASP A 161 13.98 3.59 -10.33
N ILE A 162 12.69 3.62 -10.66
CA ILE A 162 12.13 4.79 -11.33
C ILE A 162 12.19 6.02 -10.42
N SER A 163 11.77 5.86 -9.16
CA SER A 163 11.68 7.01 -8.26
C SER A 163 13.04 7.65 -8.03
N LYS A 164 14.10 6.83 -7.98
CA LYS A 164 15.44 7.39 -7.80
C LYS A 164 15.93 8.08 -9.05
N LYS A 165 15.50 7.63 -10.23
CA LYS A 165 15.88 8.30 -11.46
C LYS A 165 15.06 9.57 -11.70
N GLU A 166 13.81 9.61 -11.23
CA GLU A 166 12.85 10.57 -11.75
C GLU A 166 12.25 11.53 -10.72
N MET A 167 12.44 11.29 -9.43
CA MET A 167 11.81 12.12 -8.41
C MET A 167 12.85 12.60 -7.41
N PRO A 168 12.64 13.77 -6.81
CA PRO A 168 13.57 14.27 -5.81
C PRO A 168 13.52 13.44 -4.54
N PRO A 169 14.60 13.45 -3.74
CA PRO A 169 14.63 12.59 -2.54
C PRO A 169 13.52 12.89 -1.54
N THR A 170 12.89 14.06 -1.63
CA THR A 170 11.86 14.46 -0.68
C THR A 170 10.45 14.18 -1.17
N ASN A 171 10.29 13.70 -2.40
CA ASN A 171 8.95 13.47 -2.95
C ASN A 171 8.16 12.55 -2.02
N PRO A 172 6.96 12.94 -1.59
CA PRO A 172 6.21 12.11 -0.63
C PRO A 172 5.97 10.68 -1.09
N ILE A 173 5.70 10.45 -2.37
CA ILE A 173 5.49 9.07 -2.83
C ILE A 173 6.79 8.29 -2.78
N ARG A 174 7.90 8.91 -3.21
CA ARG A 174 9.21 8.26 -3.08
C ARG A 174 9.50 7.89 -1.65
N LEU A 175 9.21 8.80 -0.71
CA LEU A 175 9.44 8.54 0.71
C LEU A 175 8.55 7.42 1.22
N GLY A 176 7.25 7.48 0.89
CA GLY A 176 6.33 6.45 1.34
C GLY A 176 6.66 5.10 0.73
N LEU A 177 7.10 5.08 -0.53
CA LEU A 177 7.54 3.84 -1.14
C LEU A 177 8.70 3.23 -0.38
N ALA A 178 9.71 4.05 -0.07
CA ALA A 178 10.88 3.54 0.65
C ALA A 178 10.49 3.06 2.04
N LEU A 179 9.64 3.81 2.73
CA LEU A 179 9.15 3.39 4.04
C LEU A 179 8.51 2.00 3.96
N ASN A 180 7.58 1.82 3.02
CA ASN A 180 6.88 0.54 2.90
C ASN A 180 7.81 -0.57 2.46
N PHE A 181 8.73 -0.27 1.53
CA PHE A 181 9.70 -1.28 1.12
C PHE A 181 10.59 -1.70 2.28
N SER A 182 10.89 -0.77 3.20
CA SER A 182 11.70 -1.12 4.36
C SER A 182 10.89 -1.97 5.33
N VAL A 183 9.60 -1.69 5.48
CA VAL A 183 8.73 -2.56 6.28
C VAL A 183 8.69 -3.95 5.66
N PHE A 184 8.62 -4.01 4.32
CA PHE A 184 8.69 -5.30 3.63
C PHE A 184 9.95 -6.06 4.02
N HIS A 185 11.10 -5.38 3.96
CA HIS A 185 12.36 -6.03 4.30
C HIS A 185 12.35 -6.56 5.73
N TYR A 186 11.86 -5.74 6.67
CA TYR A 186 11.89 -6.12 8.08
C TYR A 186 10.87 -7.19 8.41
N GLU A 187 9.63 -7.03 7.95
CA GLU A 187 8.53 -7.86 8.40
C GLU A 187 8.32 -9.11 7.54
N ILE A 188 8.65 -9.06 6.26
CA ILE A 188 8.31 -10.11 5.31
C ILE A 188 9.55 -10.87 4.83
N ALA A 189 10.60 -10.13 4.46
CA ALA A 189 11.77 -10.72 3.84
C ALA A 189 12.82 -11.18 4.83
N ASN A 190 12.60 -10.99 6.12
CA ASN A 190 13.58 -11.36 7.15
C ASN A 190 14.95 -10.76 6.85
N SER A 191 14.94 -9.47 6.51
CA SER A 191 16.16 -8.72 6.21
C SER A 191 16.15 -7.43 7.01
N PRO A 192 16.25 -7.51 8.33
CA PRO A 192 16.19 -6.28 9.13
C PRO A 192 17.32 -5.31 8.82
N GLU A 193 18.50 -5.80 8.46
CA GLU A 193 19.61 -4.91 8.16
C GLU A 193 19.35 -4.15 6.86
N GLU A 194 18.79 -4.81 5.85
CA GLU A 194 18.39 -4.11 4.64
C GLU A 194 17.31 -3.08 4.96
N ALA A 195 16.36 -3.45 5.82
CA ALA A 195 15.31 -2.52 6.24
C ALA A 195 15.90 -1.27 6.89
N ILE A 196 16.85 -1.46 7.81
CA ILE A 196 17.44 -0.32 8.51
C ILE A 196 18.25 0.55 7.55
N SER A 197 19.03 -0.08 6.67
CA SER A 197 19.86 0.68 5.73
C SER A 197 19.01 1.51 4.78
N LEU A 198 17.93 0.94 4.26
CA LEU A 198 17.09 1.71 3.34
C LEU A 198 16.45 2.89 4.06
N ALA A 199 15.96 2.68 5.29
CA ALA A 199 15.31 3.77 6.02
C ALA A 199 16.31 4.87 6.36
N LYS A 200 17.54 4.49 6.75
CA LYS A 200 18.55 5.49 7.09
C LYS A 200 18.94 6.33 5.88
N THR A 201 19.30 5.66 4.78
CA THR A 201 19.69 6.35 3.56
C THR A 201 18.56 7.21 3.02
N THR A 202 17.32 6.70 3.07
CA THR A 202 16.17 7.49 2.63
C THR A 202 15.99 8.74 3.48
N PHE A 203 16.07 8.59 4.80
CA PHE A 203 15.92 9.75 5.69
C PHE A 203 17.02 10.77 5.44
N ASP A 204 18.28 10.31 5.34
CA ASP A 204 19.41 11.23 5.23
C ASP A 204 19.39 11.99 3.91
N GLU A 205 19.04 11.32 2.81
CA GLU A 205 19.00 12.01 1.53
C GLU A 205 17.83 12.99 1.46
N ALA A 206 16.69 12.67 2.08
CA ALA A 206 15.60 13.64 2.16
C ALA A 206 16.01 14.85 2.99
N MET A 207 16.63 14.62 4.14
CA MET A 207 17.08 15.71 5.01
C MET A 207 17.90 16.72 4.22
N ALA A 208 18.86 16.23 3.42
CA ALA A 208 19.76 17.09 2.67
C ALA A 208 19.07 17.85 1.55
N ASP A 209 17.84 17.48 1.21
CA ASP A 209 17.09 18.08 0.12
C ASP A 209 15.98 19.00 0.62
N LEU A 210 15.77 19.07 1.94
CA LEU A 210 14.66 19.86 2.49
C LEU A 210 14.82 21.34 2.17
N HIS A 211 16.05 21.83 2.03
CA HIS A 211 16.29 23.25 1.80
C HIS A 211 15.65 23.75 0.51
N THR A 212 15.31 22.84 -0.41
CA THR A 212 14.78 23.25 -1.71
C THR A 212 13.27 23.47 -1.68
N LEU A 213 12.61 23.11 -0.59
CA LEU A 213 11.16 23.00 -0.53
C LEU A 213 10.50 24.26 0.02
N SER A 214 9.27 24.49 -0.41
CA SER A 214 8.37 25.45 0.21
C SER A 214 7.90 24.92 1.57
N GLU A 215 7.30 25.81 2.35
CA GLU A 215 6.83 25.43 3.67
C GLU A 215 5.82 24.28 3.61
N ASP A 216 4.93 24.30 2.61
CA ASP A 216 3.92 23.24 2.52
C ASP A 216 4.55 21.91 2.10
N SER A 217 5.43 21.93 1.10
CA SER A 217 6.15 20.72 0.72
C SER A 217 7.06 20.24 1.84
N TYR A 218 7.64 21.17 2.59
CA TYR A 218 8.45 20.80 3.75
C TYR A 218 7.63 20.01 4.77
N LYS A 219 6.40 20.48 5.05
CA LYS A 219 5.51 19.76 5.96
C LYS A 219 5.19 18.35 5.44
N ASP A 220 4.85 18.24 4.16
CA ASP A 220 4.51 16.93 3.58
C ASP A 220 5.67 15.94 3.73
N SER A 221 6.89 16.37 3.43
CA SER A 221 8.01 15.44 3.45
C SER A 221 8.44 15.09 4.86
N THR A 222 8.51 16.07 5.76
CA THR A 222 8.98 15.77 7.11
C THR A 222 8.03 14.86 7.85
N LEU A 223 6.74 14.90 7.51
CA LEU A 223 5.79 13.97 8.13
C LEU A 223 6.17 12.53 7.84
N ILE A 224 6.48 12.22 6.58
CA ILE A 224 6.84 10.84 6.25
C ILE A 224 8.24 10.52 6.73
N MET A 225 9.13 11.51 6.75
CA MET A 225 10.46 11.33 7.33
C MET A 225 10.35 10.89 8.79
N GLN A 226 9.37 11.42 9.52
CA GLN A 226 9.19 11.04 10.92
C GLN A 226 8.79 9.57 11.05
N LEU A 227 7.94 9.08 10.14
CA LEU A 227 7.60 7.65 10.13
C LEU A 227 8.84 6.79 9.94
N LEU A 228 9.76 7.22 9.06
CA LEU A 228 11.01 6.49 8.89
C LEU A 228 11.81 6.47 10.18
N ARG A 229 11.89 7.61 10.87
CA ARG A 229 12.62 7.68 12.13
C ARG A 229 11.97 6.83 13.21
N ASP A 230 10.64 6.85 13.29
CA ASP A 230 9.94 6.00 14.25
C ASP A 230 10.31 4.54 14.09
N ASN A 231 10.37 4.07 12.84
CA ASN A 231 10.77 2.67 12.61
C ASN A 231 12.21 2.45 13.02
N LEU A 232 13.12 3.35 12.62
CA LEU A 232 14.52 3.20 12.98
C LEU A 232 14.70 3.15 14.50
N THR A 233 13.96 4.00 15.22
CA THR A 233 13.98 3.96 16.68
C THR A 233 13.53 2.60 17.19
N LEU A 234 12.53 2.01 16.55
CA LEU A 234 12.03 0.71 16.98
C LEU A 234 12.98 -0.42 16.59
N TRP A 235 13.73 -0.24 15.50
CA TRP A 235 14.55 -1.32 14.96
C TRP A 235 15.98 -1.31 15.48
N THR A 236 16.46 -0.18 16.00
CA THR A 236 17.84 -0.08 16.44
C THR A 236 17.94 0.29 17.91
N GLY B 6 5.97 0.44 11.37
CA GLY B 6 4.82 1.11 10.79
C GLY B 6 4.97 1.46 9.32
N ILE B 8 3.09 3.27 5.82
CA ILE B 8 2.24 4.43 5.60
C ILE B 8 0.82 4.08 6.03
N PRO B 9 0.24 4.85 6.97
CA PRO B 9 -1.18 4.63 7.29
C PRO B 9 -2.05 4.74 6.06
N GLY B 10 -1.95 5.85 5.32
CA GLY B 10 -2.56 5.95 4.01
C GLY B 10 -4.06 5.77 4.00
N ARG B 11 -4.72 6.07 5.12
CA ARG B 11 -6.16 5.82 5.26
C ARG B 11 -6.98 7.10 5.29
N ARG B 12 -6.35 8.26 5.06
CA ARG B 12 -7.04 9.54 4.98
C ARG B 12 -6.47 10.34 3.83
N SER B 13 -7.34 10.85 2.96
CA SER B 13 -6.90 11.62 1.80
C SER B 13 -6.87 13.12 2.12
#